data_9H8R
#
_entry.id   9H8R
#
_cell.length_a   74.688
_cell.length_b   74.688
_cell.length_c   75.307
_cell.angle_alpha   90.00
_cell.angle_beta   90.00
_cell.angle_gamma   120.00
#
_symmetry.space_group_name_H-M   'P 61'
#
loop_
_entity.id
_entity.type
_entity.pdbx_description
1 polymer 'Natural cytotoxicity triggering receptor 1'
2 polymer 'Bicyclic peptide BCY00016132'
3 non-polymer 1,2-ETHANEDIOL
4 non-polymer 2-AMINO-ETHANETHIOL
5 non-polymer 1-[3,5-bis(3-bromanylpropanoyl)-1,3,5-triazinan-1-yl]-3-bromanyl-propan-1-one
6 water water
#
loop_
_entity_poly.entity_id
_entity_poly.type
_entity_poly.pdbx_seq_one_letter_code
_entity_poly.pdbx_strand_id
1 'polypeptide(L)'
;MQQQTLPKPFIWAEPHFMVPKEKQVTICCQGNYGAVEYQLHFEGSLFAVDRPKPPERINKVKFYIPDMNSRMAGQYSCIY
RVGELWSEPSNLLDLVVTEMYDTPTLSVHPGPEVISGEKVTFYCRLDTATSMFLLLKEGRSSHVQRGYGKVQAEFPLGPV
TTAHRGTYRCFGSYNNHAWSFPSEPVKLLVTGDLEHHHHHH
;
A
2 'polypeptide(L)' ACY(2JH)PDYLC(DAL)DEYCA(NH2) B
#
loop_
_chem_comp.id
_chem_comp.type
_chem_comp.name
_chem_comp.formula
EDO non-polymer 1,2-ETHANEDIOL 'C2 H6 O2'
LFI non-polymer 1-[3,5-bis(3-bromanylpropanoyl)-1,3,5-triazinan-1-yl]-3-bromanyl-propan-1-one 'C12 H18 Br3 N3 O3'
NH2 non-polymer 'AMINO GROUP' 'H2 N'
#
# COMPACT_ATOMS: atom_id res chain seq x y z
N LEU A 6 6.74 -7.47 -26.36
CA LEU A 6 5.55 -6.68 -25.91
C LEU A 6 5.98 -5.75 -24.80
N PRO A 7 5.59 -4.46 -24.76
CA PRO A 7 5.91 -3.65 -23.60
C PRO A 7 5.42 -4.30 -22.30
N LYS A 8 6.18 -4.10 -21.24
CA LYS A 8 5.79 -4.59 -19.93
C LYS A 8 4.52 -3.87 -19.50
N PRO A 9 3.49 -4.59 -19.01
CA PRO A 9 2.28 -3.92 -18.49
C PRO A 9 2.56 -3.18 -17.20
N PHE A 10 1.69 -2.21 -16.89
CA PHE A 10 1.79 -1.45 -15.65
CA PHE A 10 1.75 -1.41 -15.67
C PHE A 10 0.51 -1.71 -14.83
N ILE A 11 0.66 -1.87 -13.51
CA ILE A 11 -0.46 -2.20 -12.63
C ILE A 11 -0.52 -1.14 -11.54
N TRP A 12 -1.72 -0.64 -11.21
CA TRP A 12 -1.90 0.27 -10.07
C TRP A 12 -3.31 0.13 -9.47
N ALA A 13 -3.50 0.75 -8.29
CA ALA A 13 -4.75 0.67 -7.55
C ALA A 13 -5.32 2.08 -7.39
N GLU A 14 -6.64 2.20 -7.57
CA GLU A 14 -7.35 3.47 -7.39
C GLU A 14 -8.47 3.30 -6.37
N PRO A 15 -8.68 4.26 -5.46
CA PRO A 15 -7.87 5.48 -5.38
C PRO A 15 -6.48 5.30 -4.80
N HIS A 16 -6.21 4.17 -4.11
CA HIS A 16 -4.97 3.96 -3.39
C HIS A 16 -4.80 2.47 -3.13
N PHE A 17 -3.54 2.04 -2.90
CA PHE A 17 -3.26 0.63 -2.65
C PHE A 17 -3.47 0.26 -1.18
N MET A 18 -3.61 1.27 -0.29
CA MET A 18 -3.93 1.01 1.10
C MET A 18 -5.43 1.28 1.28
N VAL A 19 -6.22 0.19 1.31
CA VAL A 19 -7.67 0.25 1.19
C VAL A 19 -8.29 -0.10 2.55
N PRO A 20 -9.06 0.79 3.21
CA PRO A 20 -9.76 0.43 4.44
C PRO A 20 -10.72 -0.73 4.22
N LYS A 21 -10.92 -1.54 5.27
CA LYS A 21 -11.81 -2.67 5.21
C LYS A 21 -13.21 -2.18 4.81
N GLU A 22 -13.84 -2.96 3.91
CA GLU A 22 -15.19 -2.72 3.39
C GLU A 22 -15.26 -1.61 2.36
N LYS A 23 -14.15 -0.91 2.08
CA LYS A 23 -14.08 0.09 1.03
C LYS A 23 -13.68 -0.56 -0.29
N GLN A 24 -13.92 0.15 -1.39
CA GLN A 24 -13.72 -0.40 -2.72
C GLN A 24 -12.34 -0.03 -3.24
N VAL A 25 -11.87 -0.84 -4.20
CA VAL A 25 -10.66 -0.54 -4.93
C VAL A 25 -10.81 -1.04 -6.36
N THR A 26 -10.24 -0.29 -7.32
CA THR A 26 -10.10 -0.77 -8.69
C THR A 26 -8.64 -1.05 -9.00
N ILE A 27 -8.35 -2.24 -9.51
CA ILE A 27 -7.01 -2.55 -9.96
C ILE A 27 -6.97 -2.33 -11.48
N CYS A 28 -6.12 -1.42 -11.91
CA CYS A 28 -5.96 -1.10 -13.33
C CYS A 28 -4.70 -1.79 -13.89
N CYS A 29 -4.82 -2.33 -15.11
CA CYS A 29 -3.71 -2.96 -15.82
C CYS A 29 -3.62 -2.35 -17.22
N GLN A 30 -2.51 -1.66 -17.50
CA GLN A 30 -2.31 -1.05 -18.80
C GLN A 30 -1.38 -1.96 -19.59
N GLY A 31 -1.86 -2.44 -20.73
CA GLY A 31 -1.09 -3.36 -21.55
C GLY A 31 -0.56 -2.64 -22.77
N ASN A 32 -1.31 -2.77 -23.86
CA ASN A 32 -0.90 -2.30 -25.17
C ASN A 32 -2.15 -2.21 -26.03
N TYR A 33 -2.27 -1.21 -26.90
CA TYR A 33 -3.49 -1.11 -27.67
C TYR A 33 -3.62 -2.39 -28.51
N GLY A 34 -4.83 -2.96 -28.56
CA GLY A 34 -5.06 -4.08 -29.45
C GLY A 34 -4.89 -5.43 -28.78
N ALA A 35 -4.39 -5.44 -27.53
CA ALA A 35 -4.23 -6.69 -26.81
C ALA A 35 -5.60 -7.34 -26.59
N VAL A 36 -5.67 -8.68 -26.71
CA VAL A 36 -6.94 -9.39 -26.78
C VAL A 36 -7.31 -10.13 -25.50
N GLU A 37 -6.40 -10.26 -24.53
CA GLU A 37 -6.70 -10.94 -23.27
C GLU A 37 -5.78 -10.38 -22.21
N TYR A 38 -6.35 -10.00 -21.05
CA TYR A 38 -5.61 -9.56 -19.87
C TYR A 38 -5.93 -10.56 -18.74
N GLN A 39 -4.91 -10.99 -17.99
CA GLN A 39 -5.12 -11.76 -16.77
C GLN A 39 -4.59 -10.98 -15.55
N LEU A 40 -5.39 -10.97 -14.47
CA LEU A 40 -4.92 -10.51 -13.19
C LEU A 40 -4.64 -11.72 -12.33
N HIS A 41 -3.40 -11.79 -11.83
CA HIS A 41 -2.94 -12.85 -10.94
C HIS A 41 -2.91 -12.29 -9.52
N PHE A 42 -3.28 -13.15 -8.56
CA PHE A 42 -3.18 -12.91 -7.13
C PHE A 42 -2.48 -14.08 -6.43
N GLU A 43 -1.28 -13.79 -5.94
CA GLU A 43 -0.49 -14.72 -5.15
C GLU A 43 -0.43 -16.07 -5.85
N GLY A 44 -0.16 -16.06 -7.15
CA GLY A 44 0.09 -17.32 -7.87
C GLY A 44 -1.16 -18.00 -8.45
N SER A 45 -2.34 -17.39 -8.29
CA SER A 45 -3.60 -17.89 -8.82
C SER A 45 -4.19 -16.92 -9.85
N LEU A 46 -5.09 -17.44 -10.70
CA LEU A 46 -5.80 -16.60 -11.67
C LEU A 46 -6.98 -15.94 -10.97
N PHE A 47 -6.93 -14.62 -10.85
CA PHE A 47 -7.98 -13.88 -10.17
C PHE A 47 -9.10 -13.46 -11.13
N ALA A 48 -8.75 -12.89 -12.29
CA ALA A 48 -9.75 -12.49 -13.25
C ALA A 48 -9.12 -12.39 -14.64
N VAL A 49 -9.99 -12.47 -15.66
CA VAL A 49 -9.61 -12.32 -17.06
C VAL A 49 -10.48 -11.23 -17.65
N ASP A 50 -9.93 -10.37 -18.52
CA ASP A 50 -10.73 -9.46 -19.33
C ASP A 50 -10.32 -9.65 -20.79
N ARG A 51 -11.32 -9.76 -21.68
CA ARG A 51 -11.09 -9.98 -23.10
CA ARG A 51 -11.09 -9.98 -23.10
C ARG A 51 -11.70 -8.80 -23.84
N PRO A 52 -10.91 -7.73 -24.10
CA PRO A 52 -11.44 -6.52 -24.73
C PRO A 52 -12.08 -6.82 -26.08
N LYS A 53 -13.30 -6.32 -26.25
CA LYS A 53 -14.08 -6.57 -27.44
C LYS A 53 -14.87 -5.30 -27.78
N PRO A 54 -14.51 -4.55 -28.83
CA PRO A 54 -13.33 -4.80 -29.68
C PRO A 54 -12.02 -4.33 -29.05
N PRO A 55 -10.89 -5.05 -29.27
CA PRO A 55 -9.62 -4.70 -28.64
C PRO A 55 -8.85 -3.48 -29.14
N GLU A 56 -9.15 -2.99 -30.35
CA GLU A 56 -8.27 -2.02 -30.98
C GLU A 56 -8.39 -0.65 -30.29
N ARG A 57 -9.45 -0.45 -29.51
CA ARG A 57 -9.68 0.79 -28.80
C ARG A 57 -9.23 0.75 -27.34
N ILE A 58 -8.58 -0.33 -26.93
CA ILE A 58 -8.32 -0.56 -25.52
C ILE A 58 -6.82 -0.76 -25.30
N ASN A 59 -6.28 -0.09 -24.30
CA ASN A 59 -4.93 -0.35 -23.82
C ASN A 59 -4.88 -0.61 -22.32
N LYS A 60 -6.06 -0.69 -21.68
CA LYS A 60 -6.08 -0.95 -20.25
C LYS A 60 -7.42 -1.51 -19.83
N VAL A 61 -7.36 -2.27 -18.73
CA VAL A 61 -8.49 -2.99 -18.19
CA VAL A 61 -8.51 -2.97 -18.20
C VAL A 61 -8.57 -2.70 -16.70
N LYS A 62 -9.77 -2.78 -16.14
CA LYS A 62 -10.07 -2.44 -14.76
CA LYS A 62 -10.04 -2.45 -14.76
C LYS A 62 -10.72 -3.66 -14.10
N PHE A 63 -10.25 -3.99 -12.92
CA PHE A 63 -10.83 -5.05 -12.11
C PHE A 63 -11.34 -4.44 -10.81
N TYR A 64 -12.64 -4.56 -10.56
CA TYR A 64 -13.28 -3.84 -9.46
C TYR A 64 -13.42 -4.79 -8.27
N ILE A 65 -13.04 -4.33 -7.08
CA ILE A 65 -13.23 -5.06 -5.84
C ILE A 65 -14.16 -4.21 -4.98
N PRO A 66 -15.45 -4.61 -4.80
CA PRO A 66 -16.43 -3.74 -4.15
C PRO A 66 -16.27 -3.57 -2.63
N ASP A 67 -15.76 -4.61 -1.96
CA ASP A 67 -15.75 -4.63 -0.50
C ASP A 67 -14.44 -5.24 0.01
N MET A 68 -13.47 -4.38 0.34
CA MET A 68 -12.12 -4.85 0.66
C MET A 68 -12.10 -5.64 1.97
N ASN A 69 -11.36 -6.76 1.94
CA ASN A 69 -11.15 -7.62 3.09
C ASN A 69 -9.76 -8.26 3.02
N SER A 70 -9.36 -8.97 4.08
CA SER A 70 -8.03 -9.55 4.18
C SER A 70 -7.77 -10.68 3.17
N ARG A 71 -8.84 -11.33 2.66
CA ARG A 71 -8.62 -12.42 1.71
C ARG A 71 -8.23 -11.83 0.34
N MET A 72 -8.49 -10.54 0.09
CA MET A 72 -8.09 -10.00 -1.20
CA MET A 72 -8.19 -9.86 -1.16
C MET A 72 -6.86 -9.09 -1.07
N ALA A 73 -6.23 -9.09 0.11
CA ALA A 73 -4.99 -8.35 0.33
C ALA A 73 -3.78 -9.25 0.07
N GLY A 74 -2.78 -8.71 -0.65
CA GLY A 74 -1.61 -9.48 -1.04
C GLY A 74 -1.00 -8.93 -2.32
N GLN A 75 -0.21 -9.76 -3.00
CA GLN A 75 0.48 -9.35 -4.20
C GLN A 75 -0.32 -9.71 -5.46
N TYR A 76 -0.50 -8.72 -6.33
CA TYR A 76 -1.15 -8.88 -7.61
C TYR A 76 -0.17 -8.55 -8.71
N SER A 77 -0.39 -9.17 -9.89
CA SER A 77 0.33 -8.80 -11.10
C SER A 77 -0.57 -9.06 -12.31
N CYS A 78 -0.24 -8.47 -13.45
CA CYS A 78 -1.01 -8.77 -14.64
C CYS A 78 -0.13 -9.06 -15.86
N ILE A 79 -0.75 -9.69 -16.85
CA ILE A 79 -0.14 -10.00 -18.14
C ILE A 79 -1.22 -9.85 -19.20
N TYR A 80 -0.75 -9.68 -20.45
CA TYR A 80 -1.67 -9.53 -21.55
C TYR A 80 -1.12 -10.29 -22.76
N ARG A 81 -2.02 -10.55 -23.70
CA ARG A 81 -1.76 -11.41 -24.85
C ARG A 81 -2.08 -10.67 -26.15
N VAL A 82 -1.16 -10.79 -27.11
CA VAL A 82 -1.41 -10.42 -28.50
C VAL A 82 -1.14 -11.66 -29.34
N GLY A 83 -2.14 -12.13 -30.10
CA GLY A 83 -2.07 -13.42 -30.79
C GLY A 83 -1.74 -14.56 -29.83
N GLU A 84 -0.67 -15.31 -30.09
CA GLU A 84 -0.28 -16.40 -29.20
C GLU A 84 0.77 -15.98 -28.17
N LEU A 85 1.18 -14.70 -28.18
CA LEU A 85 2.31 -14.27 -27.36
C LEU A 85 1.83 -13.54 -26.09
N TRP A 86 2.40 -13.89 -24.93
CA TRP A 86 2.11 -13.24 -23.66
C TRP A 86 3.21 -12.26 -23.31
N SER A 87 2.81 -11.13 -22.69
CA SER A 87 3.74 -10.17 -22.14
C SER A 87 4.47 -10.77 -20.95
N GLU A 88 5.57 -10.14 -20.58
CA GLU A 88 6.13 -10.36 -19.27
C GLU A 88 5.15 -9.75 -18.25
N PRO A 89 5.19 -10.21 -16.98
CA PRO A 89 4.32 -9.67 -15.94
C PRO A 89 4.63 -8.22 -15.64
N SER A 90 3.62 -7.49 -15.17
CA SER A 90 3.81 -6.19 -14.59
C SER A 90 4.71 -6.33 -13.36
N ASN A 91 5.10 -5.20 -12.77
CA ASN A 91 5.60 -5.24 -11.41
C ASN A 91 4.49 -5.77 -10.51
N LEU A 92 4.87 -6.15 -9.29
CA LEU A 92 3.94 -6.63 -8.30
C LEU A 92 3.30 -5.43 -7.62
N LEU A 93 1.98 -5.48 -7.47
CA LEU A 93 1.17 -4.53 -6.72
C LEU A 93 0.89 -5.14 -5.35
N ASP A 94 1.25 -4.41 -4.29
CA ASP A 94 0.89 -4.79 -2.94
C ASP A 94 -0.43 -4.12 -2.60
N LEU A 95 -1.49 -4.91 -2.51
CA LEU A 95 -2.79 -4.38 -2.13
C LEU A 95 -2.97 -4.65 -0.63
N VAL A 96 -3.11 -3.58 0.18
CA VAL A 96 -3.14 -3.81 1.61
C VAL A 96 -4.50 -3.35 2.12
N VAL A 97 -5.12 -4.20 2.95
CA VAL A 97 -6.30 -3.79 3.69
C VAL A 97 -5.86 -3.13 5.00
N THR A 98 -6.50 -2.01 5.35
CA THR A 98 -6.25 -1.33 6.62
C THR A 98 -7.50 -1.27 7.48
N GLU A 99 -7.34 -0.72 8.71
CA GLU A 99 -8.40 -0.61 9.70
C GLU A 99 -8.85 -1.97 10.21
N MET A 100 -7.93 -2.95 10.29
CA MET A 100 -8.25 -4.24 10.86
C MET A 100 -8.17 -4.19 12.39
N TYR A 101 -9.31 -4.40 13.05
CA TYR A 101 -9.41 -4.79 14.46
C TYR A 101 -9.14 -3.65 15.43
N ASP A 102 -7.89 -3.16 15.49
CA ASP A 102 -7.37 -2.40 16.62
C ASP A 102 -6.46 -1.24 16.18
N THR A 103 -6.05 -0.43 17.16
CA THR A 103 -5.34 0.82 16.92
C THR A 103 -4.07 0.85 17.75
N PRO A 104 -2.88 1.00 17.15
CA PRO A 104 -1.65 0.99 17.94
C PRO A 104 -1.35 2.37 18.52
N THR A 105 -0.37 2.42 19.42
CA THR A 105 0.17 3.66 19.95
CA THR A 105 0.17 3.66 19.96
C THR A 105 1.56 3.89 19.37
N LEU A 106 1.76 5.12 18.89
CA LEU A 106 3.03 5.58 18.37
C LEU A 106 3.70 6.48 19.41
N SER A 107 4.96 6.20 19.70
CA SER A 107 5.73 7.08 20.56
C SER A 107 7.08 7.39 19.91
N VAL A 108 7.78 8.40 20.45
CA VAL A 108 9.05 8.81 19.90
C VAL A 108 10.02 9.19 21.02
N HIS A 109 11.29 8.80 20.79
CA HIS A 109 12.41 9.18 21.63
C HIS A 109 13.45 9.92 20.78
N PRO A 110 14.08 11.01 21.28
CA PRO A 110 13.84 11.55 22.63
C PRO A 110 12.50 12.23 22.82
N GLY A 111 11.95 12.72 21.73
CA GLY A 111 10.68 13.41 21.82
C GLY A 111 10.36 13.96 20.45
N PRO A 112 9.21 14.65 20.29
CA PRO A 112 8.78 15.13 18.98
C PRO A 112 9.49 16.39 18.49
N GLU A 113 10.11 17.13 19.41
CA GLU A 113 10.89 18.30 19.05
C GLU A 113 12.37 18.01 19.26
N VAL A 114 13.16 18.08 18.20
CA VAL A 114 14.58 17.77 18.26
C VAL A 114 15.33 18.77 17.38
N ILE A 115 16.66 18.80 17.53
CA ILE A 115 17.51 19.64 16.68
C ILE A 115 18.14 18.76 15.60
N SER A 116 18.36 19.34 14.41
CA SER A 116 19.06 18.68 13.32
C SER A 116 20.33 18.01 13.85
N GLY A 117 20.57 16.73 13.52
CA GLY A 117 21.72 16.02 14.06
C GLY A 117 21.35 14.94 15.08
N GLU A 118 20.34 15.21 15.92
CA GLU A 118 19.94 14.27 16.97
C GLU A 118 19.36 12.99 16.37
N LYS A 119 19.58 11.88 17.10
CA LYS A 119 19.05 10.58 16.72
C LYS A 119 17.61 10.47 17.21
N VAL A 120 16.71 9.99 16.34
CA VAL A 120 15.30 9.83 16.66
C VAL A 120 14.90 8.37 16.47
N THR A 121 14.19 7.81 17.45
CA THR A 121 13.56 6.50 17.32
C THR A 121 12.06 6.62 17.56
N PHE A 122 11.28 6.09 16.61
CA PHE A 122 9.86 5.84 16.79
C PHE A 122 9.61 4.44 17.34
N TYR A 123 8.50 4.32 18.09
CA TYR A 123 8.07 3.07 18.70
C TYR A 123 6.58 2.85 18.40
N CYS A 124 6.27 1.68 17.82
CA CYS A 124 4.89 1.29 17.56
C CYS A 124 4.53 0.11 18.44
N ARG A 125 3.49 0.27 19.26
CA ARG A 125 3.02 -0.78 20.17
C ARG A 125 1.60 -1.22 19.85
N LEU A 126 1.42 -2.53 19.71
CA LEU A 126 0.07 -3.09 19.62
C LEU A 126 0.14 -4.52 20.15
N ASP A 127 -0.45 -4.75 21.33
CA ASP A 127 -0.28 -6.00 22.04
CA ASP A 127 -0.32 -5.99 22.07
C ASP A 127 -1.09 -7.13 21.41
N THR A 128 -2.15 -6.80 20.66
CA THR A 128 -3.09 -7.79 20.17
C THR A 128 -2.79 -8.18 18.73
N ALA A 129 -1.63 -7.77 18.16
CA ALA A 129 -1.33 -7.96 16.75
C ALA A 129 -0.17 -8.95 16.59
N THR A 130 0.56 -8.88 15.46
CA THR A 130 1.71 -9.72 15.24
C THR A 130 2.98 -8.95 15.60
N SER A 131 4.13 -9.50 15.24
CA SER A 131 5.40 -8.85 15.51
C SER A 131 5.85 -7.92 14.39
N MET A 132 5.04 -7.70 13.33
CA MET A 132 5.44 -6.84 12.22
CA MET A 132 5.46 -6.83 12.23
C MET A 132 4.65 -5.54 12.28
N PHE A 133 5.37 -4.41 12.23
CA PHE A 133 4.76 -3.08 12.32
C PHE A 133 5.26 -2.21 11.15
N LEU A 134 4.47 -1.18 10.82
CA LEU A 134 4.78 -0.27 9.73
C LEU A 134 4.87 1.15 10.27
N LEU A 135 5.82 1.97 9.77
CA LEU A 135 5.87 3.41 10.04
C LEU A 135 5.67 4.19 8.74
N LEU A 136 4.67 5.09 8.76
CA LEU A 136 4.25 5.79 7.58
C LEU A 136 4.38 7.28 7.83
N LYS A 137 5.18 7.93 6.98
CA LYS A 137 5.23 9.37 6.94
C LYS A 137 4.17 9.87 5.96
N GLU A 138 3.34 10.79 6.43
CA GLU A 138 2.21 11.24 5.61
CA GLU A 138 2.22 11.31 5.65
C GLU A 138 2.76 11.89 4.35
N GLY A 139 2.15 11.51 3.21
CA GLY A 139 2.64 11.98 1.92
C GLY A 139 3.59 10.99 1.23
N ARG A 140 4.19 10.05 1.96
CA ARG A 140 5.31 9.28 1.43
C ARG A 140 5.05 7.79 1.62
N SER A 141 3.91 7.30 1.15
CA SER A 141 3.56 5.91 1.31
C SER A 141 4.60 4.97 0.67
N SER A 142 5.40 5.42 -0.31
CA SER A 142 6.34 4.52 -0.98
C SER A 142 7.59 4.33 -0.12
N HIS A 143 7.69 5.13 0.94
CA HIS A 143 8.83 5.07 1.84
C HIS A 143 8.44 4.46 3.18
N VAL A 144 7.32 3.72 3.23
CA VAL A 144 6.86 3.12 4.47
C VAL A 144 7.96 2.17 4.96
N GLN A 145 8.24 2.25 6.26
CA GLN A 145 9.28 1.46 6.90
C GLN A 145 8.59 0.32 7.66
N ARG A 146 9.20 -0.86 7.66
CA ARG A 146 8.70 -2.02 8.38
C ARG A 146 9.67 -2.35 9.52
N GLY A 147 9.10 -2.73 10.69
CA GLY A 147 9.88 -3.06 11.87
C GLY A 147 9.32 -4.32 12.53
N TYR A 148 10.19 -5.00 13.30
CA TYR A 148 9.81 -6.28 13.90
C TYR A 148 10.05 -6.22 15.40
N GLY A 149 9.05 -6.62 16.17
CA GLY A 149 9.15 -6.67 17.63
C GLY A 149 7.89 -7.31 18.23
N LYS A 150 8.10 -8.15 19.25
CA LYS A 150 7.02 -8.61 20.12
C LYS A 150 6.48 -7.40 20.89
N VAL A 151 5.16 -7.24 20.86
CA VAL A 151 4.37 -6.19 21.49
C VAL A 151 4.63 -4.82 20.84
N GLN A 152 5.90 -4.47 20.64
CA GLN A 152 6.22 -3.22 20.00
C GLN A 152 7.50 -3.31 19.17
N ALA A 153 7.58 -2.45 18.14
CA ALA A 153 8.74 -2.39 17.28
C ALA A 153 9.30 -0.98 17.29
N GLU A 154 10.62 -0.93 17.07
CA GLU A 154 11.39 0.29 17.04
C GLU A 154 11.76 0.64 15.59
N PHE A 155 11.84 1.94 15.33
CA PHE A 155 12.15 2.48 14.01
C PHE A 155 13.20 3.56 14.18
N PRO A 156 14.51 3.21 14.20
CA PRO A 156 15.55 4.21 14.41
C PRO A 156 15.68 5.00 13.12
N LEU A 157 15.59 6.32 13.20
CA LEU A 157 15.76 7.14 12.01
C LEU A 157 17.21 7.52 11.79
N GLY A 158 18.06 7.32 12.81
CA GLY A 158 19.43 7.81 12.76
C GLY A 158 19.46 9.31 13.03
N PRO A 159 20.60 9.99 12.76
CA PRO A 159 20.67 11.46 12.86
C PRO A 159 19.69 12.06 11.87
N VAL A 160 18.84 12.97 12.34
CA VAL A 160 17.82 13.53 11.47
C VAL A 160 18.23 14.94 11.00
N THR A 161 17.64 15.32 9.85
CA THR A 161 17.59 16.69 9.35
C THR A 161 16.13 17.12 9.12
N THR A 162 15.93 18.32 8.58
CA THR A 162 14.58 18.81 8.29
C THR A 162 13.87 17.93 7.26
N ALA A 163 14.61 17.13 6.48
CA ALA A 163 13.97 16.22 5.56
C ALA A 163 13.05 15.24 6.32
N HIS A 164 13.36 14.96 7.60
CA HIS A 164 12.64 14.01 8.43
C HIS A 164 11.43 14.64 9.11
N ARG A 165 11.40 15.99 9.22
CA ARG A 165 10.21 16.65 9.72
C ARG A 165 8.98 16.15 8.99
N GLY A 166 7.87 16.00 9.72
CA GLY A 166 6.57 15.69 9.14
C GLY A 166 5.65 14.99 10.14
N THR A 167 4.56 14.43 9.61
CA THR A 167 3.60 13.73 10.45
C THR A 167 3.70 12.22 10.18
N TYR A 168 3.82 11.46 11.27
CA TYR A 168 3.99 10.02 11.22
C TYR A 168 2.79 9.32 11.87
N ARG A 169 2.51 8.12 11.35
CA ARG A 169 1.53 7.20 11.92
C ARG A 169 2.15 5.81 11.83
N CYS A 170 1.72 4.90 12.72
CA CYS A 170 2.20 3.54 12.62
C CYS A 170 1.01 2.61 12.58
N PHE A 171 1.26 1.40 12.03
CA PHE A 171 0.28 0.33 11.95
C PHE A 171 0.86 -0.93 12.57
N GLY A 172 0.04 -1.66 13.33
CA GLY A 172 0.28 -3.08 13.55
C GLY A 172 -0.24 -3.89 12.37
N SER A 173 0.02 -5.22 12.39
CA SER A 173 -0.34 -6.09 11.26
C SER A 173 -0.83 -7.45 11.75
N TYR A 174 -1.76 -8.04 10.96
CA TYR A 174 -2.27 -9.38 11.22
C TYR A 174 -1.72 -10.36 10.20
N ASN A 175 -1.27 -9.84 9.04
CA ASN A 175 -0.42 -10.54 8.07
C ASN A 175 0.22 -9.44 7.24
N ASN A 176 1.10 -9.79 6.29
CA ASN A 176 1.92 -8.81 5.58
C ASN A 176 1.10 -7.71 4.92
N HIS A 177 -0.15 -8.02 4.54
CA HIS A 177 -0.97 -7.11 3.76
C HIS A 177 -2.26 -6.74 4.49
N ALA A 178 -2.37 -7.10 5.78
CA ALA A 178 -3.56 -6.82 6.57
C ALA A 178 -3.17 -6.01 7.80
N TRP A 179 -3.46 -4.70 7.80
CA TRP A 179 -2.88 -3.78 8.75
C TRP A 179 -3.96 -3.20 9.64
N SER A 180 -3.52 -2.75 10.82
CA SER A 180 -4.41 -2.21 11.85
C SER A 180 -5.02 -0.89 11.39
N PHE A 181 -5.88 -0.29 12.24
CA PHE A 181 -6.10 1.14 12.13
C PHE A 181 -4.77 1.87 12.29
N PRO A 182 -4.59 3.05 11.67
CA PRO A 182 -3.39 3.87 11.92
C PRO A 182 -3.39 4.38 13.37
N SER A 183 -2.20 4.50 13.94
CA SER A 183 -2.00 5.21 15.18
C SER A 183 -2.48 6.63 15.03
N GLU A 184 -2.86 7.25 16.15
CA GLU A 184 -2.91 8.70 16.19
C GLU A 184 -1.58 9.26 15.69
N PRO A 185 -1.59 10.38 14.92
CA PRO A 185 -0.36 10.94 14.36
C PRO A 185 0.58 11.59 15.37
N VAL A 186 1.89 11.46 15.11
CA VAL A 186 2.96 12.13 15.84
C VAL A 186 3.68 13.04 14.86
N LYS A 187 3.72 14.34 15.18
CA LYS A 187 4.49 15.27 14.35
C LYS A 187 5.93 15.34 14.89
N LEU A 188 6.92 15.15 14.00
CA LEU A 188 8.32 15.33 14.34
C LEU A 188 8.76 16.70 13.85
N LEU A 189 9.20 17.54 14.81
CA LEU A 189 9.68 18.88 14.54
C LEU A 189 11.20 18.87 14.67
N VAL A 190 11.87 19.25 13.58
CA VAL A 190 13.32 19.30 13.56
C VAL A 190 13.72 20.74 13.29
N THR A 191 14.56 21.33 14.15
CA THR A 191 14.96 22.72 14.04
C THR A 191 16.44 22.80 13.67
N ALA B 1 -18.41 8.02 -6.42
CA ALA B 1 -18.26 7.84 -4.95
C ALA B 1 -16.86 7.33 -4.64
N CYS B 2 -15.91 8.28 -4.57
CA CYS B 2 -14.53 8.00 -4.22
C CYS B 2 -14.33 8.28 -2.73
N TYR B 3 -13.89 7.25 -1.96
CA TYR B 3 -13.53 7.42 -0.57
C TYR B 3 -12.01 7.41 -0.41
N 2JH B 4 -11.47 8.28 0.45
CA 2JH B 4 -10.06 8.28 0.77
CB 2JH B 4 -9.28 9.19 -0.18
C 2JH B 4 -9.87 8.73 2.23
O 2JH B 4 -10.36 9.79 2.61
CG 2JH B 4 -7.78 8.95 -0.22
CD1 2JH B 4 -7.25 7.63 -0.81
CD2 2JH B 4 -6.99 9.71 -1.27
CE 2JH B 4 -6.20 8.43 -1.59
N PRO B 5 -9.11 7.97 3.04
CA PRO B 5 -8.76 8.38 4.41
C PRO B 5 -7.97 9.67 4.39
N ASP B 6 -8.29 10.59 5.31
CA ASP B 6 -7.65 11.90 5.36
C ASP B 6 -6.14 11.77 5.29
N TYR B 7 -5.55 10.76 5.94
CA TYR B 7 -4.09 10.67 6.00
C TYR B 7 -3.47 10.31 4.64
N LEU B 8 -4.29 9.89 3.66
CA LEU B 8 -3.78 9.57 2.33
C LEU B 8 -4.03 10.70 1.33
N CYS B 9 -4.66 11.80 1.76
CA CYS B 9 -4.85 12.92 0.84
C CYS B 9 -3.49 13.49 0.50
N DAL B 10 -3.22 13.67 -0.81
CA DAL B 10 -1.98 14.25 -1.31
CB DAL B 10 -2.19 14.69 -2.74
C DAL B 10 -0.81 13.27 -1.20
O DAL B 10 0.34 13.66 -1.35
N ASP B 11 -1.07 11.99 -0.97
CA ASP B 11 -0.01 10.99 -0.91
C ASP B 11 0.61 10.82 -2.29
N GLU B 12 1.93 10.58 -2.33
CA GLU B 12 2.69 10.51 -3.57
C GLU B 12 2.22 9.40 -4.51
N TYR B 13 1.58 8.34 -3.97
CA TYR B 13 1.11 7.21 -4.79
C TYR B 13 0.11 7.65 -5.86
N CYS B 14 -0.78 8.60 -5.53
CA CYS B 14 -1.89 8.98 -6.38
C CYS B 14 -1.39 9.65 -7.68
N ALA B 15 0.06 10.09 -7.69
CA ALA B 15 1.30 10.03 -8.46
C ALA B 15 1.78 11.48 -8.55
N NH2 B 16 3.05 11.70 -8.25
C1 EDO C . 2.09 -1.25 29.93
O1 EDO C . 3.14 -2.14 29.85
C2 EDO C . 0.98 -2.09 30.15
O2 EDO C . 1.53 -3.32 29.79
N DHL D . -7.64 5.47 -15.11
N DHL D . -9.82 4.61 -13.82
CA DHL D . -8.30 4.33 -14.46
CA DHL D . -8.55 4.81 -14.51
CB DHL D . -8.03 2.98 -15.13
CB DHL D . -7.80 3.52 -14.81
SG DHL D . -8.64 1.55 -14.20
SG DHL D . -8.57 2.01 -14.15
C10 LFI E . -8.23 13.19 0.15
C11 LFI E . -11.19 9.40 -3.56
C12 LFI E . -4.21 10.82 -3.23
C1 LFI E . -7.54 14.39 -3.60
C2 LFI E . -7.71 12.45 -5.10
C3 LFI E . -9.68 13.52 -4.24
C4 LFI E . -9.35 13.98 -1.90
C5 LFI E . -9.53 10.99 -4.41
C6 LFI E . -5.82 12.63 -3.47
C7 LFI E . -5.03 11.61 -4.21
C8 LFI E . -8.49 14.37 -0.76
C9 LFI E . -10.87 10.85 -3.79
N1 LFI E . -8.87 14.06 -3.15
N2 LFI E . -6.94 13.11 -4.04
N3 LFI E . -9.06 12.24 -4.60
O1 LFI E . -5.46 13.01 -2.36
O2 LFI E . -10.41 13.42 -1.67
O3 LFI E . -8.86 9.99 -4.65
#